data_6QR9
#
_entry.id   6QR9
#
_cell.length_a   75.679
_cell.length_b   77.179
_cell.length_c   87.556
_cell.angle_alpha   90.000
_cell.angle_beta   90.000
_cell.angle_gamma   90.000
#
_symmetry.space_group_name_H-M   'P 21 21 21'
#
loop_
_entity.id
_entity.type
_entity.pdbx_description
1 polymer 'tRNA (guanine-N(1)-)-methyltransferase'
2 non-polymer 5-azanyl-3-[1-[[4-(morpholin-4-ylmethyl)phenyl]methyl]indol-6-yl]-1~{H}-pyrazole-4-carbonitrile
3 water water
#
_entity_poly.entity_id   1
_entity_poly.type   'polypeptide(L)'
_entity_poly.pdbx_seq_one_letter_code
;GSMKIDVVTIFPEYLQPVRQSLPGKAIDAGLVDVAVHDLRRWTHDVHKSVDDSPYGGGPGMVMKPTVWGDALDEICTSET
LLVVPTPAGYPFTQETAWQWSTEDHLVIACGRYEGIDQRVADDAATRMRVREVSIGDYVLNGGEAAALVIIEAVLRLVPG
VLGNALSAQEDSHSEGMASLLEGPSYTRPPSWRGMDVPPVLLSGDHAKIAAWRAEQSRQRTIERRPDLLGFDSPTGEHGG
DGLS
;
_entity_poly.pdbx_strand_id   A,B
#
loop_
_chem_comp.id
_chem_comp.type
_chem_comp.name
_chem_comp.formula
JEE non-polymer 5-azanyl-3-[1-[[4-(morpholin-4-ylmethyl)phenyl]methyl]indol-6-yl]-1~{H}-pyrazole-4-carbonitrile 'C24 H24 N6 O'
#
# COMPACT_ATOMS: atom_id res chain seq x y z
N GLY A 1 4.00 -4.62 21.84
CA GLY A 1 4.53 -3.66 22.79
C GLY A 1 5.77 -2.97 22.27
N SER A 2 6.86 -3.74 22.15
CA SER A 2 8.12 -3.23 21.60
C SER A 2 8.46 -3.98 20.31
N MET A 3 9.01 -3.28 19.32
CA MET A 3 9.30 -3.92 18.05
C MET A 3 10.46 -3.31 17.29
N LYS A 4 11.33 -4.18 16.76
CA LYS A 4 12.43 -3.74 15.90
C LYS A 4 12.08 -4.08 14.46
N ILE A 5 12.33 -3.15 13.56
CA ILE A 5 12.08 -3.38 12.14
C ILE A 5 13.31 -3.02 11.31
N ASP A 6 13.79 -3.98 10.53
CA ASP A 6 14.89 -3.76 9.60
C ASP A 6 14.36 -3.86 8.18
N VAL A 7 14.66 -2.87 7.37
CA VAL A 7 14.27 -2.89 5.98
C VAL A 7 15.54 -2.95 5.12
N VAL A 8 15.54 -3.84 4.14
CA VAL A 8 16.68 -4.05 3.26
C VAL A 8 16.27 -3.78 1.82
N THR A 9 16.96 -2.84 1.15
CA THR A 9 16.53 -2.31 -0.13
C THR A 9 17.75 -1.74 -0.89
N ILE A 10 17.63 -1.56 -2.20
CA ILE A 10 18.68 -0.89 -2.93
C ILE A 10 18.30 0.56 -3.16
N PHE A 11 17.11 0.95 -2.71
CA PHE A 11 16.72 2.37 -2.67
C PHE A 11 16.31 2.84 -1.25
N PRO A 12 17.29 2.90 -0.31
CA PRO A 12 17.02 3.36 1.06
C PRO A 12 16.25 4.69 1.11
N GLU A 13 16.48 5.54 0.11
CA GLU A 13 15.84 6.86 0.09
C GLU A 13 14.33 6.76 -0.03
N TYR A 14 13.83 5.64 -0.51
CA TYR A 14 12.39 5.50 -0.70
C TYR A 14 11.70 5.22 0.63
N LEU A 15 12.50 4.93 1.65
CA LEU A 15 11.92 4.69 2.96
C LEU A 15 11.87 5.96 3.82
N GLN A 16 12.24 7.11 3.25
CA GLN A 16 12.16 8.39 3.99
C GLN A 16 10.79 8.65 4.67
N PRO A 17 9.66 8.30 4.01
CA PRO A 17 8.40 8.60 4.71
C PRO A 17 8.28 7.99 6.10
N VAL A 18 8.89 6.83 6.35
CA VAL A 18 8.82 6.21 7.67
C VAL A 18 9.50 7.06 8.75
N ARG A 19 10.74 7.50 8.48
CA ARG A 19 11.43 8.39 9.42
C ARG A 19 10.61 9.66 9.67
N GLN A 20 9.76 10.00 8.71
CA GLN A 20 8.98 11.22 8.74
C GLN A 20 7.64 11.06 9.47
N SER A 21 7.21 9.83 9.75
CA SER A 21 5.93 9.63 10.42
C SER A 21 6.06 8.97 11.78
N LEU A 22 7.30 8.68 12.17
CA LEU A 22 7.55 8.12 13.50
C LEU A 22 7.72 9.21 14.57
N PRO A 23 6.85 9.19 15.59
CA PRO A 23 6.91 10.12 16.73
C PRO A 23 8.14 9.91 17.60
N GLY A 24 8.80 10.99 17.99
CA GLY A 24 10.01 10.90 18.80
C GLY A 24 9.77 10.26 20.16
N LYS A 25 8.55 10.41 20.66
CA LYS A 25 8.17 9.85 21.95
C LYS A 25 8.28 8.32 21.97
N ALA A 26 7.89 7.67 20.87
CA ALA A 26 7.89 6.20 20.82
C ALA A 26 9.31 5.66 20.69
N ILE A 27 10.15 6.42 20.00
CA ILE A 27 11.55 6.05 19.83
C ILE A 27 12.32 6.26 21.14
N ASP A 28 12.07 7.39 21.80
CA ASP A 28 12.65 7.70 23.10
C ASP A 28 12.23 6.68 24.16
N ALA A 29 10.97 6.26 24.12
CA ALA A 29 10.45 5.28 25.06
C ALA A 29 10.79 3.87 24.64
N GLY A 30 11.53 3.74 23.53
CA GLY A 30 11.94 2.44 23.04
C GLY A 30 10.80 1.50 22.71
N LEU A 31 9.69 2.03 22.21
CA LEU A 31 8.60 1.17 21.75
C LEU A 31 8.90 0.62 20.36
N VAL A 32 9.71 1.36 19.61
CA VAL A 32 9.95 1.05 18.21
C VAL A 32 11.30 1.58 17.73
N ASP A 33 11.92 0.80 16.86
CA ASP A 33 13.16 1.18 16.18
C ASP A 33 13.06 0.67 14.74
N VAL A 34 13.36 1.55 13.77
CA VAL A 34 13.25 1.18 12.37
C VAL A 34 14.56 1.54 11.66
N ALA A 35 15.30 0.53 11.24
CA ALA A 35 16.54 0.72 10.49
C ALA A 35 16.33 0.38 9.03
N VAL A 36 17.04 1.09 8.15
CA VAL A 36 17.00 0.85 6.72
C VAL A 36 18.42 0.58 6.25
N HIS A 37 18.63 -0.52 5.52
CA HIS A 37 19.98 -0.88 5.09
C HIS A 37 20.08 -0.93 3.58
N ASP A 38 21.17 -0.37 3.06
CA ASP A 38 21.45 -0.46 1.63
C ASP A 38 21.99 -1.85 1.29
N LEU A 39 21.23 -2.62 0.51
CA LEU A 39 21.66 -3.95 0.12
C LEU A 39 23.08 -3.96 -0.47
N ARG A 40 23.46 -2.89 -1.15
CA ARG A 40 24.76 -2.86 -1.81
C ARG A 40 25.93 -2.92 -0.83
N ARG A 41 25.68 -2.74 0.47
CA ARG A 41 26.75 -2.90 1.46
C ARG A 41 27.20 -4.36 1.56
N TRP A 42 26.43 -5.28 0.98
CA TRP A 42 26.76 -6.68 1.05
C TRP A 42 27.14 -7.26 -0.32
N THR A 43 27.41 -6.42 -1.31
CA THR A 43 27.81 -6.98 -2.60
C THR A 43 29.28 -7.37 -2.52
N HIS A 44 29.78 -8.10 -3.53
CA HIS A 44 31.14 -8.62 -3.46
C HIS A 44 32.06 -8.03 -4.49
N ASP A 45 31.49 -7.37 -5.49
CA ASP A 45 32.33 -6.90 -6.58
C ASP A 45 32.41 -5.38 -6.56
N VAL A 46 33.39 -4.86 -7.28
CA VAL A 46 33.63 -3.44 -7.33
C VAL A 46 32.50 -2.72 -8.10
N HIS A 47 31.71 -3.47 -8.86
CA HIS A 47 30.59 -2.87 -9.58
C HIS A 47 29.32 -2.89 -8.73
N LYS A 48 29.41 -3.48 -7.54
CA LYS A 48 28.30 -3.53 -6.60
C LYS A 48 27.05 -4.19 -7.22
N SER A 49 27.23 -5.37 -7.81
CA SER A 49 26.16 -6.07 -8.53
C SER A 49 25.14 -6.79 -7.62
N VAL A 50 23.85 -6.58 -7.90
CA VAL A 50 22.79 -7.18 -7.10
C VAL A 50 21.87 -8.04 -7.97
N ASP A 51 22.00 -7.90 -9.29
CA ASP A 51 21.11 -8.57 -10.24
C ASP A 51 21.89 -9.33 -11.33
N ASP A 52 21.22 -10.29 -11.96
CA ASP A 52 21.85 -11.19 -12.92
C ASP A 52 20.74 -11.84 -13.78
N SER A 53 21.11 -12.35 -14.95
CA SER A 53 20.13 -12.92 -15.88
C SER A 53 19.46 -14.18 -15.32
N PRO A 54 18.16 -14.36 -15.60
CA PRO A 54 17.39 -15.47 -15.02
C PRO A 54 17.69 -16.80 -15.71
N TYR A 55 17.81 -17.87 -14.91
CA TYR A 55 17.94 -19.21 -15.46
C TYR A 55 16.66 -19.56 -16.21
N GLY A 56 16.81 -20.04 -17.44
CA GLY A 56 15.67 -20.50 -18.20
C GLY A 56 15.10 -19.44 -19.13
N GLY A 57 15.77 -18.30 -19.13
CA GLY A 57 15.38 -17.22 -20.02
C GLY A 57 14.24 -16.46 -19.41
N GLY A 58 13.85 -15.39 -20.07
CA GLY A 58 12.78 -14.56 -19.57
C GLY A 58 13.23 -13.12 -19.51
N PRO A 59 12.27 -12.20 -19.48
CA PRO A 59 12.61 -10.77 -19.44
C PRO A 59 13.05 -10.39 -18.05
N GLY A 60 13.81 -9.31 -17.95
CA GLY A 60 14.18 -8.77 -16.66
C GLY A 60 15.19 -9.60 -15.89
N MET A 61 15.80 -8.97 -14.91
CA MET A 61 16.82 -9.62 -14.12
C MET A 61 16.24 -10.19 -12.84
N VAL A 62 17.06 -10.96 -12.14
CA VAL A 62 16.72 -11.57 -10.88
C VAL A 62 17.78 -11.12 -9.91
N MET A 63 17.42 -10.89 -8.65
CA MET A 63 18.43 -10.47 -7.70
C MET A 63 19.23 -11.67 -7.24
N LYS A 64 20.54 -11.44 -7.03
CA LYS A 64 21.50 -12.51 -6.71
C LYS A 64 21.26 -13.11 -5.33
N PRO A 65 21.32 -14.45 -5.21
CA PRO A 65 21.10 -15.08 -3.90
C PRO A 65 22.27 -14.84 -2.94
N THR A 66 23.47 -14.80 -3.50
CA THR A 66 24.70 -14.62 -2.72
C THR A 66 24.69 -13.31 -1.93
N VAL A 67 24.29 -12.21 -2.56
CA VAL A 67 24.22 -10.92 -1.88
C VAL A 67 23.10 -10.92 -0.83
N TRP A 68 21.93 -11.38 -1.23
CA TRP A 68 20.80 -11.39 -0.31
C TRP A 68 21.05 -12.32 0.87
N GLY A 69 21.63 -13.48 0.59
CA GLY A 69 22.01 -14.41 1.64
C GLY A 69 22.97 -13.79 2.63
N ASP A 70 23.91 -12.98 2.14
CA ASP A 70 24.84 -12.26 3.03
C ASP A 70 24.13 -11.31 3.99
N ALA A 71 23.16 -10.58 3.46
CA ALA A 71 22.56 -9.49 4.22
C ALA A 71 21.63 -10.07 5.27
N LEU A 72 20.84 -11.06 4.87
CA LEU A 72 19.89 -11.65 5.79
C LEU A 72 20.60 -12.39 6.94
N ASP A 73 21.73 -13.03 6.64
CA ASP A 73 22.50 -13.70 7.69
C ASP A 73 22.94 -12.75 8.79
N GLU A 74 23.32 -11.54 8.39
CA GLU A 74 23.81 -10.54 9.33
C GLU A 74 22.68 -9.99 10.18
N ILE A 75 21.57 -9.68 9.51
CA ILE A 75 20.44 -9.00 10.12
C ILE A 75 19.49 -9.95 10.87
N CYS A 76 19.24 -11.12 10.29
CA CYS A 76 18.32 -12.07 10.90
C CYS A 76 18.92 -12.96 12.01
N THR A 77 18.04 -13.30 12.94
CA THR A 77 18.25 -14.36 13.91
C THR A 77 17.14 -15.40 13.70
N SER A 78 17.17 -16.49 14.46
CA SER A 78 16.11 -17.49 14.38
C SER A 78 14.78 -16.98 14.94
N GLU A 79 14.79 -15.81 15.56
CA GLU A 79 13.55 -15.26 16.12
C GLU A 79 12.87 -14.28 15.17
N THR A 80 13.57 -13.96 14.07
CA THR A 80 13.06 -12.98 13.11
C THR A 80 11.82 -13.49 12.34
N LEU A 81 10.86 -12.59 12.14
CA LEU A 81 9.87 -12.80 11.09
C LEU A 81 10.36 -12.11 9.83
N LEU A 82 10.72 -12.90 8.82
CA LEU A 82 11.17 -12.35 7.54
C LEU A 82 9.95 -12.10 6.64
N VAL A 83 9.76 -10.85 6.26
CA VAL A 83 8.65 -10.45 5.40
C VAL A 83 9.18 -10.09 4.00
N VAL A 84 8.62 -10.74 2.98
CA VAL A 84 9.04 -10.55 1.61
C VAL A 84 7.87 -10.15 0.72
N PRO A 85 7.71 -8.83 0.50
CA PRO A 85 6.70 -8.36 -0.42
C PRO A 85 6.92 -9.02 -1.76
N THR A 86 5.84 -9.38 -2.42
CA THR A 86 5.92 -10.04 -3.70
C THR A 86 4.57 -10.06 -4.37
N PRO A 87 4.57 -9.80 -5.68
CA PRO A 87 3.32 -9.81 -6.45
C PRO A 87 2.72 -11.21 -6.55
N ALA A 88 3.41 -12.25 -6.05
CA ALA A 88 2.84 -13.58 -6.05
C ALA A 88 2.61 -14.11 -4.62
N GLY A 89 2.42 -13.19 -3.68
CA GLY A 89 2.30 -13.57 -2.28
C GLY A 89 0.89 -13.87 -1.81
N TYR A 90 0.80 -14.39 -0.60
CA TYR A 90 -0.46 -14.44 0.13
C TYR A 90 -0.97 -13.02 0.35
N PRO A 91 -2.28 -12.85 0.44
CA PRO A 91 -2.82 -11.49 0.59
C PRO A 91 -2.42 -10.90 1.94
N PHE A 92 -1.85 -9.70 1.99
CA PHE A 92 -1.69 -9.03 3.25
C PHE A 92 -3.01 -8.40 3.64
N THR A 93 -3.59 -8.83 4.77
CA THR A 93 -4.82 -8.20 5.28
C THR A 93 -4.67 -7.64 6.69
N GLN A 94 -5.77 -7.11 7.23
CA GLN A 94 -5.82 -6.56 8.56
C GLN A 94 -5.58 -7.65 9.60
N GLU A 95 -6.01 -8.87 9.30
CA GLU A 95 -5.68 -10.01 10.14
C GLU A 95 -4.17 -10.19 10.22
N THR A 96 -3.50 -10.11 9.08
CA THR A 96 -2.06 -10.23 9.04
C THR A 96 -1.41 -9.16 9.89
N ALA A 97 -1.85 -7.92 9.73
CA ALA A 97 -1.27 -6.81 10.47
C ALA A 97 -1.41 -7.04 11.97
N TRP A 98 -2.63 -7.38 12.37
CA TRP A 98 -2.92 -7.69 13.75
C TRP A 98 -1.95 -8.75 14.31
N GLN A 99 -1.77 -9.86 13.60
CA GLN A 99 -0.89 -10.93 14.08
C GLN A 99 0.57 -10.49 14.15
N TRP A 100 1.03 -9.74 13.17
CA TRP A 100 2.42 -9.30 13.17
C TRP A 100 2.68 -8.18 14.19
N SER A 101 1.62 -7.54 14.69
CA SER A 101 1.82 -6.39 15.57
C SER A 101 2.47 -6.81 16.87
N THR A 102 2.40 -8.10 17.19
CA THR A 102 2.96 -8.62 18.44
C THR A 102 4.37 -9.19 18.31
N GLU A 103 4.92 -9.16 17.09
CA GLU A 103 6.28 -9.65 16.82
C GLU A 103 7.35 -8.71 17.36
N ASP A 104 8.53 -9.25 17.62
CA ASP A 104 9.58 -8.46 18.22
C ASP A 104 10.61 -8.02 17.20
N HIS A 105 10.76 -8.78 16.12
CA HIS A 105 11.72 -8.42 15.09
C HIS A 105 11.18 -8.75 13.71
N LEU A 106 10.82 -7.70 12.97
CA LEU A 106 10.51 -7.85 11.55
C LEU A 106 11.66 -7.43 10.69
N VAL A 107 11.97 -8.27 9.71
CA VAL A 107 12.85 -7.88 8.62
C VAL A 107 12.04 -7.89 7.33
N ILE A 108 12.15 -6.80 6.57
CA ILE A 108 11.44 -6.69 5.31
C ILE A 108 12.44 -6.61 4.18
N ALA A 109 12.37 -7.58 3.28
CA ALA A 109 13.31 -7.70 2.18
C ALA A 109 12.65 -7.21 0.91
N CYS A 110 13.03 -5.99 0.48
CA CYS A 110 12.47 -5.34 -0.71
C CYS A 110 13.27 -5.65 -1.97
N GLY A 111 12.66 -6.42 -2.86
CA GLY A 111 13.30 -6.74 -4.12
C GLY A 111 12.99 -5.73 -5.22
N ARG A 112 13.67 -5.91 -6.34
CA ARG A 112 13.43 -5.09 -7.51
C ARG A 112 13.53 -5.98 -8.72
N TYR A 113 13.43 -5.40 -9.91
CA TYR A 113 13.49 -6.19 -11.14
C TYR A 113 12.40 -7.27 -11.08
N GLU A 114 12.73 -8.48 -11.49
CA GLU A 114 11.76 -9.59 -11.43
C GLU A 114 11.69 -10.25 -10.07
N GLY A 115 12.48 -9.73 -9.12
CA GLY A 115 12.48 -10.23 -7.77
C GLY A 115 13.75 -10.94 -7.34
N ILE A 116 13.63 -11.69 -6.26
CA ILE A 116 14.75 -12.31 -5.57
C ILE A 116 14.80 -13.81 -5.87
N ASP A 117 16.00 -14.35 -6.13
CA ASP A 117 16.18 -15.80 -6.31
C ASP A 117 15.42 -16.54 -5.20
N GLN A 118 14.61 -17.52 -5.60
CA GLN A 118 13.70 -18.21 -4.68
C GLN A 118 14.45 -18.93 -3.55
N ARG A 119 15.71 -19.27 -3.79
CA ARG A 119 16.48 -20.03 -2.81
C ARG A 119 16.71 -19.23 -1.51
N VAL A 120 16.72 -17.91 -1.63
CA VAL A 120 16.96 -17.06 -0.48
C VAL A 120 15.89 -17.30 0.58
N ALA A 121 14.63 -17.18 0.18
CA ALA A 121 13.52 -17.43 1.07
C ALA A 121 13.42 -18.92 1.47
N ASP A 122 13.51 -19.83 0.50
CA ASP A 122 13.62 -21.28 0.81
C ASP A 122 14.68 -21.58 1.88
N ASP A 123 15.90 -21.05 1.71
CA ASP A 123 16.94 -21.23 2.72
C ASP A 123 16.50 -20.65 4.06
N ALA A 124 16.04 -19.39 4.06
CA ALA A 124 15.58 -18.70 5.26
C ALA A 124 14.53 -19.52 6.00
N ALA A 125 13.65 -20.15 5.25
CA ALA A 125 12.54 -20.88 5.83
C ALA A 125 12.99 -22.09 6.64
N THR A 126 14.21 -22.58 6.44
CA THR A 126 14.68 -23.74 7.19
C THR A 126 15.07 -23.38 8.63
N ARG A 127 15.11 -22.09 8.96
CA ARG A 127 15.45 -21.71 10.33
C ARG A 127 14.75 -20.47 10.88
N MET A 128 13.82 -19.87 10.12
CA MET A 128 13.01 -18.80 10.69
C MET A 128 11.64 -18.75 10.00
N ARG A 129 10.69 -18.01 10.59
CA ARG A 129 9.39 -17.82 9.97
C ARG A 129 9.54 -16.86 8.78
N VAL A 130 8.94 -17.24 7.66
CA VAL A 130 9.05 -16.50 6.42
C VAL A 130 7.66 -16.35 5.82
N ARG A 131 7.35 -15.14 5.34
CA ARG A 131 6.02 -14.84 4.82
C ARG A 131 6.13 -14.04 3.54
N GLU A 132 5.71 -14.65 2.44
CA GLU A 132 5.63 -13.96 1.16
C GLU A 132 4.23 -13.38 1.05
N VAL A 133 4.13 -12.06 0.89
CA VAL A 133 2.83 -11.40 0.89
C VAL A 133 2.71 -10.37 -0.21
N SER A 134 1.48 -10.16 -0.68
CA SER A 134 1.17 -9.05 -1.58
C SER A 134 0.16 -8.10 -0.95
N ILE A 135 0.34 -6.81 -1.16
CA ILE A 135 -0.54 -5.83 -0.53
C ILE A 135 -1.78 -5.50 -1.33
N GLY A 136 -1.92 -6.06 -2.52
CA GLY A 136 -3.10 -5.78 -3.32
C GLY A 136 -2.94 -6.25 -4.76
N ASP A 137 -4.06 -6.31 -5.49
CA ASP A 137 -4.06 -6.84 -6.84
C ASP A 137 -3.67 -5.80 -7.90
N TYR A 138 -2.41 -5.41 -7.89
CA TYR A 138 -1.88 -4.50 -8.89
C TYR A 138 -0.38 -4.73 -8.91
N VAL A 139 0.30 -4.18 -9.91
CA VAL A 139 1.73 -4.40 -10.06
C VAL A 139 2.51 -3.12 -9.75
N LEU A 140 3.52 -3.27 -8.90
CA LEU A 140 4.44 -2.19 -8.53
C LEU A 140 5.83 -2.41 -9.16
N ASN A 141 6.78 -1.52 -8.87
CA ASN A 141 8.12 -1.66 -9.41
C ASN A 141 9.05 -2.47 -8.51
N GLY A 142 8.64 -2.61 -7.25
CA GLY A 142 9.47 -3.29 -6.28
C GLY A 142 8.74 -3.29 -4.96
N GLY A 143 9.36 -3.81 -3.91
CA GLY A 143 8.66 -3.99 -2.64
C GLY A 143 8.68 -2.83 -1.65
N GLU A 144 9.33 -1.72 -2.01
CA GLU A 144 9.49 -0.58 -1.10
C GLU A 144 8.15 0.06 -0.72
N ALA A 145 7.25 0.26 -1.68
CA ALA A 145 5.96 0.87 -1.37
C ALA A 145 5.13 -0.08 -0.51
N ALA A 146 5.25 -1.37 -0.79
CA ALA A 146 4.58 -2.40 -0.03
C ALA A 146 5.04 -2.35 1.41
N ALA A 147 6.34 -2.19 1.60
CA ALA A 147 6.90 -2.09 2.92
C ALA A 147 6.30 -0.87 3.65
N LEU A 148 6.23 0.29 2.98
CA LEU A 148 5.60 1.48 3.59
C LEU A 148 4.19 1.17 4.07
N VAL A 149 3.41 0.49 3.24
CA VAL A 149 2.06 0.11 3.63
C VAL A 149 2.04 -0.86 4.83
N ILE A 150 2.87 -1.90 4.74
CA ILE A 150 2.90 -2.92 5.77
C ILE A 150 3.32 -2.34 7.11
N ILE A 151 4.41 -1.58 7.08
CA ILE A 151 4.91 -0.94 8.28
C ILE A 151 3.80 -0.08 8.89
N GLU A 152 3.08 0.69 8.07
CA GLU A 152 2.03 1.55 8.61
C GLU A 152 0.86 0.73 9.18
N ALA A 153 0.38 -0.26 8.44
CA ALA A 153 -0.76 -1.06 8.89
C ALA A 153 -0.47 -1.75 10.22
N VAL A 154 0.77 -2.22 10.40
CA VAL A 154 1.16 -2.91 11.62
C VAL A 154 1.46 -1.96 12.79
N LEU A 155 2.29 -0.94 12.56
CA LEU A 155 2.73 -0.09 13.65
C LEU A 155 1.59 0.66 14.31
N ARG A 156 0.54 0.96 13.54
CA ARG A 156 -0.58 1.71 14.11
C ARG A 156 -1.42 0.79 15.00
N LEU A 157 -1.07 -0.50 15.06
CA LEU A 157 -1.73 -1.41 15.97
C LEU A 157 -0.90 -1.59 17.23
N VAL A 158 0.33 -1.08 17.21
CA VAL A 158 1.16 -1.11 18.40
C VAL A 158 0.88 0.15 19.22
N PRO A 159 0.29 -0.03 20.40
CA PRO A 159 -0.24 1.07 21.22
C PRO A 159 0.72 2.23 21.38
N GLY A 160 0.30 3.41 20.94
CA GLY A 160 1.07 4.63 21.13
C GLY A 160 2.32 4.72 20.29
N VAL A 161 2.28 4.17 19.09
CA VAL A 161 3.47 4.20 18.25
C VAL A 161 3.34 5.22 17.12
N LEU A 162 2.20 5.28 16.45
CA LEU A 162 2.03 6.27 15.39
C LEU A 162 1.18 7.48 15.83
N GLY A 163 0.87 7.55 17.12
CA GLY A 163 0.16 8.68 17.69
C GLY A 163 -1.34 8.66 17.52
N ASN A 164 -1.90 7.48 17.25
CA ASN A 164 -3.33 7.34 16.98
C ASN A 164 -4.08 6.62 18.11
N SER A 179 -16.05 -6.05 8.82
CA SER A 179 -16.90 -6.89 7.98
C SER A 179 -17.69 -6.09 6.93
N LEU A 180 -18.11 -4.88 7.28
CA LEU A 180 -18.84 -4.01 6.37
C LEU A 180 -18.05 -2.73 6.17
N LEU A 181 -18.31 -2.03 5.06
CA LEU A 181 -17.64 -0.75 4.82
C LEU A 181 -18.27 0.33 5.67
N GLU A 182 -17.46 1.24 6.19
CA GLU A 182 -17.96 2.40 6.92
C GLU A 182 -18.82 3.28 6.02
N GLY A 183 -19.89 3.83 6.57
CA GLY A 183 -20.70 4.80 5.84
C GLY A 183 -20.09 6.18 5.90
N PRO A 184 -20.82 7.20 5.44
CA PRO A 184 -20.34 8.58 5.31
C PRO A 184 -20.21 9.36 6.61
N SER A 185 -19.22 10.26 6.65
CA SER A 185 -19.02 11.13 7.81
C SER A 185 -19.30 12.58 7.45
N TYR A 186 -19.68 13.36 8.46
CA TYR A 186 -20.06 14.75 8.28
C TYR A 186 -19.64 15.63 9.45
N THR A 187 -19.13 16.82 9.17
CA THR A 187 -18.79 17.74 10.25
C THR A 187 -19.27 19.14 9.85
N ARG A 188 -18.89 20.18 10.59
CA ARG A 188 -19.34 21.54 10.28
C ARG A 188 -18.82 21.98 8.92
N PRO A 189 -19.53 22.92 8.27
CA PRO A 189 -20.78 23.57 8.68
C PRO A 189 -21.97 22.70 8.31
N PRO A 190 -23.14 22.93 8.92
CA PRO A 190 -24.29 22.06 8.68
C PRO A 190 -24.83 22.22 7.26
N SER A 191 -24.46 23.31 6.61
CA SER A 191 -24.86 23.51 5.21
C SER A 191 -23.73 24.06 4.38
N TRP A 192 -23.45 23.40 3.27
CA TRP A 192 -22.30 23.71 2.44
C TRP A 192 -22.63 23.47 0.99
N ARG A 193 -22.60 24.52 0.17
CA ARG A 193 -22.91 24.46 -1.26
C ARG A 193 -24.24 23.79 -1.55
N GLY A 194 -25.21 24.02 -0.67
CA GLY A 194 -26.56 23.58 -0.92
C GLY A 194 -26.76 22.17 -0.43
N MET A 195 -25.76 21.65 0.28
CA MET A 195 -25.85 20.29 0.81
C MET A 195 -25.85 20.27 2.32
N ASP A 196 -26.97 19.84 2.88
CA ASP A 196 -27.14 19.79 4.32
C ASP A 196 -26.72 18.45 4.85
N VAL A 197 -26.07 18.47 6.02
CA VAL A 197 -25.82 17.26 6.77
C VAL A 197 -27.14 16.53 6.94
N PRO A 198 -27.17 15.21 6.71
CA PRO A 198 -28.45 14.48 6.86
C PRO A 198 -29.08 14.73 8.23
N PRO A 199 -30.32 15.27 8.26
CA PRO A 199 -30.96 15.76 9.49
C PRO A 199 -30.97 14.73 10.61
N VAL A 200 -31.05 13.44 10.30
CA VAL A 200 -31.11 12.44 11.36
C VAL A 200 -29.90 12.57 12.29
N LEU A 201 -28.76 12.97 11.74
CA LEU A 201 -27.53 13.15 12.51
C LEU A 201 -27.65 14.28 13.53
N LEU A 202 -28.65 15.13 13.40
CA LEU A 202 -28.83 16.22 14.37
C LEU A 202 -30.06 16.03 15.27
N SER A 203 -30.72 14.89 15.16
CA SER A 203 -32.00 14.66 15.87
C SER A 203 -31.84 14.34 17.35
N GLY A 204 -30.63 14.00 17.78
CA GLY A 204 -30.44 13.61 19.16
C GLY A 204 -31.16 12.31 19.51
N ASP A 205 -31.51 11.54 18.49
CA ASP A 205 -32.09 10.22 18.68
C ASP A 205 -31.03 9.24 18.28
N HIS A 206 -30.28 8.74 19.25
CA HIS A 206 -29.10 7.96 18.97
C HIS A 206 -29.36 6.51 18.57
N ALA A 207 -30.56 6.01 18.82
CA ALA A 207 -30.91 4.70 18.25
C ALA A 207 -31.21 4.84 16.76
N LYS A 208 -31.94 5.89 16.38
CA LYS A 208 -32.19 6.17 14.97
C LYS A 208 -30.89 6.46 14.18
N ILE A 209 -29.97 7.16 14.81
CA ILE A 209 -28.70 7.49 14.15
C ILE A 209 -27.87 6.24 13.88
N ALA A 210 -27.82 5.33 14.85
CA ALA A 210 -27.05 4.12 14.72
C ALA A 210 -27.62 3.25 13.62
N ALA A 211 -28.95 3.20 13.55
CA ALA A 211 -29.64 2.43 12.51
C ALA A 211 -29.46 3.05 11.12
N TRP A 212 -29.45 4.38 11.07
CA TRP A 212 -29.28 5.08 9.79
C TRP A 212 -27.87 4.84 9.25
N ARG A 213 -26.88 4.89 10.15
CA ARG A 213 -25.51 4.61 9.74
C ARG A 213 -25.35 3.14 9.29
N ALA A 214 -26.10 2.23 9.91
CA ALA A 214 -25.95 0.82 9.59
C ALA A 214 -26.48 0.57 8.20
N GLU A 215 -27.60 1.23 7.86
CA GLU A 215 -28.17 1.10 6.53
C GLU A 215 -27.25 1.70 5.47
N GLN A 216 -26.61 2.84 5.76
CA GLN A 216 -25.63 3.41 4.82
C GLN A 216 -24.54 2.40 4.59
N SER A 217 -24.04 1.86 5.69
CA SER A 217 -22.97 0.88 5.62
C SER A 217 -23.35 -0.35 4.78
N ARG A 218 -24.51 -0.95 5.03
CA ARG A 218 -25.00 -2.11 4.26
C ARG A 218 -25.08 -1.75 2.78
N GLN A 219 -25.60 -0.56 2.52
CA GLN A 219 -25.83 -0.09 1.17
C GLN A 219 -24.53 0.07 0.37
N ARG A 220 -23.61 0.84 0.94
CA ARG A 220 -22.31 1.09 0.36
C ARG A 220 -21.53 -0.21 0.09
N THR A 221 -21.70 -1.16 1.00
CA THR A 221 -21.04 -2.45 0.95
C THR A 221 -21.58 -3.26 -0.21
N ILE A 222 -22.90 -3.22 -0.40
CA ILE A 222 -23.54 -3.84 -1.55
C ILE A 222 -23.03 -3.24 -2.86
N GLU A 223 -22.96 -1.91 -2.92
CA GLU A 223 -22.55 -1.23 -4.13
C GLU A 223 -21.05 -1.34 -4.41
N ARG A 224 -20.23 -1.32 -3.38
CA ARG A 224 -18.78 -1.26 -3.61
C ARG A 224 -18.04 -2.60 -3.41
N ARG A 225 -18.46 -3.37 -2.41
CA ARG A 225 -17.79 -4.64 -2.12
C ARG A 225 -18.78 -5.79 -1.86
N PRO A 226 -19.54 -6.19 -2.90
CA PRO A 226 -20.54 -7.25 -2.71
C PRO A 226 -19.93 -8.60 -2.30
N ASP A 227 -18.62 -8.75 -2.40
CA ASP A 227 -17.93 -9.97 -1.97
C ASP A 227 -17.79 -10.08 -0.45
N LEU A 228 -17.98 -8.99 0.27
CA LEU A 228 -17.95 -9.09 1.73
C LEU A 228 -19.28 -9.64 2.23
N LEU A 229 -20.11 -10.09 1.30
CA LEU A 229 -21.46 -10.56 1.59
C LEU A 229 -21.77 -11.84 0.81
N SER B 2 1.67 11.21 -21.49
CA SER B 2 1.69 12.48 -20.79
C SER B 2 0.63 12.60 -19.69
N MET B 3 1.06 12.92 -18.47
CA MET B 3 0.13 13.05 -17.34
C MET B 3 0.62 13.94 -16.20
N LYS B 4 -0.33 14.64 -15.58
CA LYS B 4 -0.05 15.45 -14.40
C LYS B 4 -0.80 14.91 -13.20
N ILE B 5 -0.10 14.78 -12.08
CA ILE B 5 -0.71 14.33 -10.85
C ILE B 5 -0.54 15.39 -9.76
N ASP B 6 -1.63 15.82 -9.15
CA ASP B 6 -1.55 16.66 -7.95
C ASP B 6 -2.04 15.89 -6.74
N VAL B 7 -1.22 15.82 -5.70
CA VAL B 7 -1.66 15.23 -4.44
C VAL B 7 -1.87 16.34 -3.41
N VAL B 8 -3.03 16.32 -2.77
CA VAL B 8 -3.39 17.31 -1.77
C VAL B 8 -3.44 16.63 -0.42
N THR B 9 -2.77 17.23 0.57
CA THR B 9 -2.51 16.54 1.84
C THR B 9 -2.18 17.54 2.94
N ILE B 10 -2.47 17.19 4.19
CA ILE B 10 -1.97 17.98 5.33
C ILE B 10 -0.65 17.41 5.83
N PHE B 11 -0.19 16.35 5.17
CA PHE B 11 1.08 15.71 5.51
C PHE B 11 2.03 15.70 4.29
N PRO B 12 2.39 16.88 3.75
CA PRO B 12 3.17 16.92 2.51
C PRO B 12 4.58 16.35 2.65
N GLU B 13 5.08 16.28 3.88
CA GLU B 13 6.42 15.77 4.16
C GLU B 13 6.55 14.25 3.97
N TYR B 14 5.44 13.53 4.06
CA TYR B 14 5.41 12.11 3.77
C TYR B 14 5.73 11.86 2.29
N LEU B 15 5.11 12.65 1.40
CA LEU B 15 5.23 12.47 -0.04
C LEU B 15 6.60 12.88 -0.58
N GLN B 16 7.42 13.41 0.31
CA GLN B 16 8.78 13.91 0.04
C GLN B 16 9.65 13.31 -1.08
N PRO B 17 9.83 11.96 -1.13
CA PRO B 17 10.82 11.41 -2.07
C PRO B 17 10.62 11.74 -3.56
N VAL B 18 9.41 11.51 -4.08
CA VAL B 18 9.15 11.70 -5.50
C VAL B 18 9.44 13.12 -5.99
N GLY B 30 9.50 13.55 -17.37
CA GLY B 30 9.49 14.51 -18.46
C GLY B 30 8.11 14.67 -19.09
N LEU B 31 7.53 13.56 -19.51
CA LEU B 31 6.16 13.57 -19.99
C LEU B 31 5.21 13.50 -18.79
N VAL B 32 5.77 13.52 -17.59
CA VAL B 32 4.98 13.43 -16.38
C VAL B 32 5.56 14.24 -15.21
N ASP B 33 4.71 15.02 -14.54
CA ASP B 33 5.09 15.69 -13.30
C ASP B 33 4.14 15.23 -12.18
N VAL B 34 4.61 15.31 -10.94
CA VAL B 34 3.78 15.02 -9.79
C VAL B 34 4.01 16.12 -8.75
N ALA B 35 2.97 16.91 -8.49
CA ALA B 35 3.06 18.00 -7.53
C ALA B 35 2.36 17.64 -6.22
N VAL B 36 2.99 17.97 -5.10
CA VAL B 36 2.39 17.78 -3.79
C VAL B 36 2.02 19.10 -3.15
N HIS B 37 0.73 19.26 -2.85
CA HIS B 37 0.18 20.50 -2.29
C HIS B 37 -0.24 20.36 -0.82
N ASP B 38 0.12 21.35 -0.01
CA ASP B 38 -0.27 21.44 1.39
C ASP B 38 -1.68 22.05 1.49
N LEU B 39 -2.65 21.25 1.93
CA LEU B 39 -4.04 21.69 2.07
C LEU B 39 -4.18 22.93 2.96
N ARG B 40 -3.30 23.06 3.95
CA ARG B 40 -3.39 24.12 4.96
C ARG B 40 -3.12 25.52 4.39
N ARG B 41 -2.62 25.59 3.16
CA ARG B 41 -2.40 26.88 2.52
C ARG B 41 -3.74 27.47 2.11
N TRP B 42 -4.80 26.71 2.28
CA TRP B 42 -6.12 27.15 1.88
C TRP B 42 -7.04 27.49 3.04
N THR B 43 -6.55 27.36 4.28
CA THR B 43 -7.41 27.59 5.45
C THR B 43 -7.94 29.01 5.52
N HIS B 44 -9.08 29.16 6.18
CA HIS B 44 -9.77 30.45 6.23
C HIS B 44 -9.30 31.27 7.43
N ASP B 45 -9.07 30.61 8.56
CA ASP B 45 -8.38 31.25 9.69
C ASP B 45 -7.24 30.36 10.12
N VAL B 46 -6.03 30.91 10.05
CA VAL B 46 -4.81 30.18 10.44
C VAL B 46 -4.85 29.69 11.88
N HIS B 47 -5.71 30.29 12.70
CA HIS B 47 -5.84 29.89 14.10
C HIS B 47 -6.83 28.71 14.29
N LYS B 48 -7.50 28.31 13.21
CA LYS B 48 -8.47 27.21 13.28
C LYS B 48 -7.93 25.92 12.65
N SER B 49 -8.49 24.79 13.09
CA SER B 49 -8.13 23.45 12.63
C SER B 49 -8.85 23.04 11.35
N VAL B 50 -8.25 22.17 10.53
CA VAL B 50 -8.96 21.62 9.37
C VAL B 50 -9.99 20.56 9.80
N ASP B 51 -9.84 20.03 11.00
CA ASP B 51 -10.72 18.98 11.48
C ASP B 51 -11.70 19.52 12.52
N ASP B 52 -12.88 18.91 12.60
CA ASP B 52 -13.82 19.17 13.66
C ASP B 52 -14.52 17.87 14.06
N SER B 53 -15.27 17.91 15.16
CA SER B 53 -16.06 16.77 15.64
C SER B 53 -17.13 16.35 14.65
N PRO B 54 -17.48 15.06 14.63
CA PRO B 54 -18.50 14.57 13.69
C PRO B 54 -19.94 14.80 14.14
N TYR B 55 -20.79 15.21 13.21
CA TYR B 55 -22.22 15.24 13.45
C TYR B 55 -22.71 13.82 13.71
N GLY B 56 -23.64 13.67 14.64
CA GLY B 56 -24.13 12.35 14.98
C GLY B 56 -23.24 11.69 16.01
N GLY B 57 -22.09 12.31 16.27
CA GLY B 57 -21.17 11.78 17.25
C GLY B 57 -20.34 10.65 16.68
N GLY B 58 -19.38 10.17 17.46
CA GLY B 58 -18.50 9.10 17.04
C GLY B 58 -17.10 9.39 17.49
N PRO B 59 -16.19 8.41 17.37
CA PRO B 59 -14.80 8.71 17.71
C PRO B 59 -14.15 9.51 16.59
N GLY B 60 -13.02 10.13 16.87
CA GLY B 60 -12.26 10.81 15.83
C GLY B 60 -12.83 12.06 15.16
N MET B 61 -11.92 12.85 14.61
CA MET B 61 -12.28 14.06 13.91
C MET B 61 -12.50 13.82 12.43
N VAL B 62 -13.23 14.73 11.80
CA VAL B 62 -13.53 14.68 10.39
C VAL B 62 -13.00 15.97 9.76
N MET B 63 -12.47 15.86 8.54
CA MET B 63 -11.98 17.05 7.86
C MET B 63 -13.12 17.86 7.23
N LYS B 64 -13.12 19.16 7.52
CA LYS B 64 -14.16 20.07 7.04
C LYS B 64 -14.13 20.17 5.51
N PRO B 65 -15.31 20.26 4.88
CA PRO B 65 -15.39 20.34 3.41
C PRO B 65 -14.96 21.70 2.87
N THR B 66 -15.07 22.72 3.71
CA THR B 66 -14.76 24.10 3.33
C THR B 66 -13.36 24.29 2.73
N VAL B 67 -12.34 23.87 3.48
CA VAL B 67 -10.96 23.99 3.02
C VAL B 67 -10.71 23.11 1.78
N TRP B 68 -11.23 21.89 1.82
CA TRP B 68 -11.12 20.97 0.69
C TRP B 68 -11.73 21.57 -0.57
N GLY B 69 -12.91 22.18 -0.42
CA GLY B 69 -13.58 22.83 -1.53
C GLY B 69 -12.78 23.94 -2.21
N ASP B 70 -12.11 24.77 -1.42
CA ASP B 70 -11.32 25.85 -2.01
C ASP B 70 -10.14 25.29 -2.75
N ALA B 71 -9.40 24.39 -2.11
CA ALA B 71 -8.25 23.76 -2.75
C ALA B 71 -8.62 23.10 -4.09
N LEU B 72 -9.65 22.26 -4.11
CA LEU B 72 -9.94 21.49 -5.33
C LEU B 72 -10.48 22.38 -6.44
N ASP B 73 -11.18 23.45 -6.06
CA ASP B 73 -11.67 24.46 -6.99
C ASP B 73 -10.52 25.01 -7.84
N GLU B 74 -9.42 25.29 -7.15
CA GLU B 74 -8.22 25.89 -7.73
C GLU B 74 -7.48 24.92 -8.63
N ILE B 75 -7.36 23.69 -8.13
CA ILE B 75 -6.52 22.65 -8.70
C ILE B 75 -7.22 21.84 -9.81
N CYS B 76 -8.53 21.75 -9.76
CA CYS B 76 -9.25 20.90 -10.71
C CYS B 76 -9.91 21.68 -11.84
N THR B 77 -10.09 20.99 -12.96
CA THR B 77 -10.98 21.40 -14.04
C THR B 77 -12.07 20.34 -14.13
N SER B 78 -13.04 20.57 -15.02
CA SER B 78 -14.09 19.58 -15.25
C SER B 78 -13.56 18.27 -15.85
N GLU B 79 -12.37 18.29 -16.45
CA GLU B 79 -11.82 17.09 -17.08
C GLU B 79 -10.97 16.28 -16.10
N THR B 80 -10.72 16.86 -14.94
CA THR B 80 -9.90 16.24 -13.91
C THR B 80 -10.52 14.97 -13.36
N LEU B 81 -9.70 13.93 -13.20
CA LEU B 81 -10.12 12.74 -12.46
C LEU B 81 -9.73 12.88 -11.00
N LEU B 82 -10.73 13.01 -10.14
CA LEU B 82 -10.51 13.18 -8.72
C LEU B 82 -10.56 11.85 -7.99
N VAL B 83 -9.45 11.53 -7.34
CA VAL B 83 -9.27 10.24 -6.69
C VAL B 83 -9.19 10.40 -5.18
N VAL B 84 -10.04 9.68 -4.47
CA VAL B 84 -10.05 9.76 -3.03
C VAL B 84 -9.80 8.41 -2.40
N PRO B 85 -8.60 8.20 -1.85
CA PRO B 85 -8.38 6.95 -1.15
C PRO B 85 -9.24 6.90 0.10
N THR B 86 -9.88 5.77 0.31
CA THR B 86 -10.72 5.55 1.47
C THR B 86 -10.79 4.08 1.82
N PRO B 87 -10.83 3.77 3.11
CA PRO B 87 -10.97 2.36 3.52
C PRO B 87 -12.35 1.82 3.15
N ALA B 88 -13.25 2.65 2.65
CA ALA B 88 -14.57 2.18 2.21
C ALA B 88 -14.77 2.37 0.70
N GLY B 89 -13.67 2.39 -0.07
CA GLY B 89 -13.76 2.64 -1.50
C GLY B 89 -13.95 1.38 -2.33
N TYR B 90 -14.14 1.55 -3.63
CA TYR B 90 -14.11 0.44 -4.59
C TYR B 90 -12.69 -0.12 -4.61
N PRO B 91 -12.56 -1.42 -4.88
CA PRO B 91 -11.22 -1.98 -4.99
C PRO B 91 -10.42 -1.27 -6.08
N PHE B 92 -9.21 -0.81 -5.75
CA PHE B 92 -8.24 -0.41 -6.75
C PHE B 92 -7.44 -1.63 -7.21
N THR B 93 -7.51 -1.95 -8.50
CA THR B 93 -6.83 -3.11 -9.08
C THR B 93 -6.05 -2.76 -10.36
N GLN B 94 -5.41 -3.75 -10.95
CA GLN B 94 -4.65 -3.53 -12.18
C GLN B 94 -5.54 -3.02 -13.32
N GLU B 95 -6.78 -3.47 -13.34
CA GLU B 95 -7.77 -2.98 -14.28
C GLU B 95 -7.98 -1.45 -14.08
N THR B 96 -8.09 -1.00 -12.83
CA THR B 96 -8.20 0.43 -12.54
C THR B 96 -6.98 1.22 -13.01
N ALA B 97 -5.80 0.71 -12.69
CA ALA B 97 -4.57 1.36 -13.09
C ALA B 97 -4.50 1.52 -14.61
N TRP B 98 -4.91 0.49 -15.34
CA TRP B 98 -4.91 0.58 -16.80
C TRP B 98 -5.87 1.68 -17.26
N GLN B 99 -7.05 1.74 -16.67
CA GLN B 99 -8.04 2.75 -17.05
C GLN B 99 -7.52 4.16 -16.80
N TRP B 100 -6.80 4.35 -15.70
CA TRP B 100 -6.29 5.66 -15.30
C TRP B 100 -5.00 6.04 -16.04
N SER B 101 -4.34 5.05 -16.62
CA SER B 101 -3.07 5.27 -17.30
C SER B 101 -3.24 6.20 -18.50
N THR B 102 -4.48 6.32 -19.00
CA THR B 102 -4.74 7.16 -20.18
C THR B 102 -5.21 8.56 -19.83
N GLU B 103 -5.50 8.82 -18.56
CA GLU B 103 -5.92 10.15 -18.14
C GLU B 103 -4.83 11.21 -18.32
N ASP B 104 -5.26 12.45 -18.49
CA ASP B 104 -4.33 13.57 -18.64
C ASP B 104 -4.04 14.22 -17.29
N HIS B 105 -4.99 14.11 -16.37
CA HIS B 105 -4.88 14.81 -15.10
C HIS B 105 -5.57 14.11 -13.94
N LEU B 106 -4.78 13.67 -12.96
CA LEU B 106 -5.28 13.07 -11.74
C LEU B 106 -5.00 13.95 -10.54
N VAL B 107 -6.03 14.19 -9.73
CA VAL B 107 -5.87 14.84 -8.45
C VAL B 107 -6.23 13.85 -7.35
N ILE B 108 -5.28 13.65 -6.43
CA ILE B 108 -5.47 12.70 -5.34
C ILE B 108 -5.65 13.48 -4.05
N ALA B 109 -6.80 13.28 -3.43
CA ALA B 109 -7.14 13.96 -2.18
C ALA B 109 -6.88 13.05 -0.97
N CYS B 110 -5.78 13.30 -0.28
CA CYS B 110 -5.39 12.53 0.90
C CYS B 110 -5.99 13.03 2.20
N GLY B 111 -6.84 12.19 2.79
CA GLY B 111 -7.44 12.52 4.06
C GLY B 111 -6.58 12.00 5.20
N ARG B 112 -7.01 12.33 6.42
CA ARG B 112 -6.31 12.00 7.64
C ARG B 112 -7.44 11.97 8.70
N TYR B 113 -7.13 11.61 9.95
CA TYR B 113 -8.17 11.42 10.98
C TYR B 113 -9.19 10.35 10.56
N GLU B 114 -10.47 10.62 10.82
CA GLU B 114 -11.54 9.73 10.35
C GLU B 114 -11.94 10.01 8.92
N GLY B 115 -11.20 10.89 8.25
CA GLY B 115 -11.42 11.13 6.83
C GLY B 115 -12.05 12.46 6.48
N ILE B 116 -12.58 12.54 5.25
CA ILE B 116 -13.13 13.77 4.71
C ILE B 116 -14.66 13.79 4.73
N ASP B 117 -15.24 14.95 5.05
CA ASP B 117 -16.69 15.14 4.98
C ASP B 117 -17.20 14.67 3.61
N GLN B 118 -18.23 13.84 3.62
CA GLN B 118 -18.73 13.16 2.41
C GLN B 118 -19.21 14.15 1.35
N ARG B 119 -19.63 15.33 1.79
CA ARG B 119 -20.13 16.34 0.86
C ARG B 119 -19.06 16.80 -0.14
N VAL B 120 -17.78 16.69 0.23
CA VAL B 120 -16.72 17.03 -0.74
C VAL B 120 -16.81 16.19 -2.03
N ALA B 121 -16.82 14.86 -1.87
CA ALA B 121 -16.88 14.01 -3.05
C ALA B 121 -18.25 14.11 -3.71
N ASP B 122 -19.29 14.29 -2.90
CA ASP B 122 -20.64 14.37 -3.46
C ASP B 122 -20.87 15.67 -4.24
N ASP B 123 -20.33 16.78 -3.74
CA ASP B 123 -20.34 18.02 -4.48
C ASP B 123 -19.46 17.94 -5.73
N ALA B 124 -18.28 17.33 -5.60
CA ALA B 124 -17.36 17.24 -6.74
C ALA B 124 -17.99 16.42 -7.85
N ALA B 125 -18.72 15.37 -7.45
CA ALA B 125 -19.37 14.47 -8.42
C ALA B 125 -20.48 15.16 -9.23
N THR B 126 -20.74 16.43 -8.92
CA THR B 126 -21.68 17.23 -9.71
C THR B 126 -20.98 18.01 -10.84
N ARG B 127 -19.66 18.12 -10.80
CA ARG B 127 -18.92 18.90 -11.79
C ARG B 127 -17.78 18.15 -12.49
N MET B 128 -17.30 17.07 -11.89
CA MET B 128 -16.22 16.27 -12.46
C MET B 128 -16.41 14.82 -12.06
N ARG B 129 -15.56 13.94 -12.57
CA ARG B 129 -15.59 12.52 -12.21
C ARG B 129 -14.81 12.25 -10.93
N VAL B 130 -15.44 11.57 -9.98
CA VAL B 130 -14.85 11.28 -8.69
C VAL B 130 -14.73 9.76 -8.53
N ARG B 131 -13.66 9.28 -7.89
CA ARG B 131 -13.48 7.84 -7.66
C ARG B 131 -13.01 7.55 -6.24
N GLU B 132 -13.87 6.94 -5.44
CA GLU B 132 -13.45 6.50 -4.13
C GLU B 132 -12.88 5.08 -4.23
N VAL B 133 -11.59 4.93 -3.88
CA VAL B 133 -10.95 3.62 -3.99
C VAL B 133 -10.15 3.25 -2.75
N SER B 134 -10.03 1.94 -2.55
CA SER B 134 -9.19 1.39 -1.50
C SER B 134 -8.11 0.49 -2.10
N ILE B 135 -6.88 0.61 -1.62
CA ILE B 135 -5.80 -0.21 -2.15
C ILE B 135 -5.70 -1.58 -1.48
N GLY B 136 -6.51 -1.86 -0.47
CA GLY B 136 -6.44 -3.14 0.21
C GLY B 136 -7.30 -3.32 1.43
N ASP B 137 -7.38 -4.55 1.94
CA ASP B 137 -8.22 -4.87 3.09
C ASP B 137 -7.42 -4.81 4.35
N TYR B 138 -6.95 -3.60 4.64
CA TYR B 138 -6.17 -3.29 5.82
C TYR B 138 -6.33 -1.79 6.07
N VAL B 139 -6.06 -1.36 7.30
CA VAL B 139 -6.34 0.00 7.74
C VAL B 139 -5.07 0.87 7.84
N LEU B 140 -5.14 2.05 7.26
CA LEU B 140 -4.03 3.01 7.29
C LEU B 140 -4.41 4.18 8.16
N ASN B 141 -3.47 5.11 8.36
CA ASN B 141 -3.79 6.30 9.15
C ASN B 141 -4.24 7.47 8.28
N GLY B 142 -4.05 7.36 6.96
CA GLY B 142 -4.48 8.41 6.04
C GLY B 142 -4.18 8.03 4.59
N GLY B 143 -4.67 8.82 3.65
CA GLY B 143 -4.56 8.50 2.24
C GLY B 143 -3.19 8.53 1.58
N GLU B 144 -2.19 9.06 2.29
CA GLU B 144 -0.84 9.30 1.73
C GLU B 144 -0.08 8.03 1.29
N ALA B 145 -0.19 6.94 2.05
CA ALA B 145 0.50 5.73 1.62
C ALA B 145 -0.18 5.18 0.36
N ALA B 146 -1.50 5.29 0.36
CA ALA B 146 -2.30 4.82 -0.76
C ALA B 146 -1.99 5.62 -2.01
N ALA B 147 -1.72 6.90 -1.84
CA ALA B 147 -1.45 7.75 -2.99
C ALA B 147 -0.13 7.30 -3.63
N LEU B 148 0.87 6.95 -2.79
CA LEU B 148 2.15 6.46 -3.31
C LEU B 148 1.95 5.18 -4.11
N VAL B 149 1.23 4.22 -3.54
CA VAL B 149 0.96 2.96 -4.22
C VAL B 149 0.26 3.24 -5.55
N ILE B 150 -0.76 4.08 -5.51
CA ILE B 150 -1.59 4.36 -6.69
C ILE B 150 -0.77 5.05 -7.76
N ILE B 151 -0.02 6.06 -7.37
CA ILE B 151 0.86 6.72 -8.32
C ILE B 151 1.84 5.69 -8.93
N GLU B 152 2.40 4.81 -8.12
CA GLU B 152 3.38 3.87 -8.65
C GLU B 152 2.73 2.89 -9.61
N ALA B 153 1.56 2.34 -9.25
CA ALA B 153 0.88 1.42 -10.16
C ALA B 153 0.45 2.08 -11.46
N VAL B 154 0.12 3.36 -11.44
CA VAL B 154 -0.41 4.01 -12.64
C VAL B 154 0.70 4.48 -13.55
N LEU B 155 1.71 5.14 -12.99
CA LEU B 155 2.76 5.74 -13.81
C LEU B 155 3.51 4.72 -14.63
N ARG B 156 3.74 3.54 -14.07
CA ARG B 156 4.53 2.54 -14.78
C ARG B 156 3.82 2.00 -16.01
N LEU B 157 2.55 2.36 -16.21
CA LEU B 157 1.79 1.94 -17.39
C LEU B 157 1.66 3.06 -18.45
N VAL B 158 2.14 4.26 -18.13
CA VAL B 158 2.03 5.37 -19.07
C VAL B 158 3.05 5.23 -20.22
N PRO B 159 2.55 5.08 -21.46
CA PRO B 159 3.26 4.77 -22.71
C PRO B 159 4.71 5.28 -22.77
N SER B 179 -4.71 -13.16 -13.94
CA SER B 179 -4.88 -14.54 -14.37
C SER B 179 -4.28 -15.51 -13.36
N LEU B 180 -2.96 -15.48 -13.23
CA LEU B 180 -2.21 -16.37 -12.37
C LEU B 180 -1.07 -15.63 -11.68
N LEU B 181 -0.56 -16.20 -10.59
CA LEU B 181 0.59 -15.61 -9.91
C LEU B 181 1.87 -16.14 -10.54
N GLU B 182 2.89 -15.31 -10.63
CA GLU B 182 4.18 -15.75 -11.15
C GLU B 182 4.86 -16.76 -10.24
N GLY B 183 5.55 -17.71 -10.86
CA GLY B 183 6.30 -18.71 -10.13
C GLY B 183 7.68 -18.18 -9.80
N PRO B 184 8.54 -19.06 -9.27
CA PRO B 184 9.87 -18.70 -8.78
C PRO B 184 10.87 -18.44 -9.90
N SER B 185 11.79 -17.50 -9.66
CA SER B 185 12.89 -17.22 -10.58
CA SER B 185 12.89 -17.23 -10.58
C SER B 185 14.23 -17.55 -9.93
N TYR B 186 15.24 -17.80 -10.76
CA TYR B 186 16.58 -18.17 -10.30
C TYR B 186 17.65 -17.52 -11.14
N THR B 187 18.81 -17.25 -10.54
CA THR B 187 19.97 -16.81 -11.30
C THR B 187 21.21 -17.52 -10.76
N ARG B 188 22.40 -17.06 -11.11
CA ARG B 188 23.62 -17.77 -10.74
C ARG B 188 23.91 -17.59 -9.25
N PRO B 189 24.67 -18.51 -8.64
CA PRO B 189 25.27 -19.75 -9.14
C PRO B 189 24.26 -20.92 -9.20
N PRO B 190 24.54 -21.95 -10.05
CA PRO B 190 23.57 -23.04 -10.27
C PRO B 190 23.35 -23.89 -9.01
N SER B 191 24.34 -23.90 -8.14
CA SER B 191 24.18 -24.52 -6.82
C SER B 191 24.59 -23.51 -5.72
N TRP B 192 23.81 -23.44 -4.66
CA TRP B 192 24.06 -22.43 -3.61
C TRP B 192 23.56 -22.89 -2.25
N ARG B 193 24.48 -22.97 -1.30
CA ARG B 193 24.21 -23.59 0.00
C ARG B 193 23.63 -24.97 -0.18
N GLY B 194 24.06 -25.66 -1.24
CA GLY B 194 23.52 -26.97 -1.56
C GLY B 194 22.10 -26.92 -2.08
N MET B 195 21.66 -25.78 -2.57
CA MET B 195 20.37 -25.77 -3.25
C MET B 195 20.56 -25.59 -4.75
N ASP B 196 20.02 -26.54 -5.50
CA ASP B 196 20.19 -26.56 -6.96
C ASP B 196 19.07 -25.83 -7.64
N VAL B 197 19.38 -25.18 -8.77
CA VAL B 197 18.36 -24.62 -9.64
C VAL B 197 17.61 -25.80 -10.30
N PRO B 198 16.27 -25.75 -10.39
CA PRO B 198 15.51 -26.80 -11.10
C PRO B 198 16.06 -27.08 -12.50
N PRO B 199 16.65 -28.28 -12.70
CA PRO B 199 17.44 -28.69 -13.87
C PRO B 199 16.78 -28.39 -15.22
N VAL B 200 15.46 -28.45 -15.29
CA VAL B 200 14.75 -28.06 -16.49
C VAL B 200 15.14 -26.65 -16.95
N LEU B 201 15.40 -25.75 -16.01
CA LEU B 201 15.73 -24.38 -16.36
C LEU B 201 17.11 -24.28 -17.02
N LEU B 202 17.91 -25.32 -16.87
CA LEU B 202 19.26 -25.35 -17.43
C LEU B 202 19.26 -26.12 -18.73
N SER B 203 18.12 -26.73 -19.04
CA SER B 203 18.02 -27.61 -20.18
C SER B 203 18.03 -26.84 -21.49
N GLY B 204 17.54 -25.60 -21.47
CA GLY B 204 17.43 -24.82 -22.69
C GLY B 204 16.31 -25.26 -23.62
N ASP B 205 15.41 -26.09 -23.09
CA ASP B 205 14.23 -26.53 -23.83
C ASP B 205 13.06 -25.59 -23.56
N HIS B 206 12.85 -24.63 -24.47
CA HIS B 206 11.86 -23.58 -24.28
C HIS B 206 10.47 -24.15 -23.94
N ALA B 207 10.05 -25.20 -24.63
CA ALA B 207 8.70 -25.74 -24.39
C ALA B 207 8.59 -26.37 -23.00
N LYS B 208 9.58 -27.18 -22.61
CA LYS B 208 9.61 -27.81 -21.29
C LYS B 208 9.74 -26.79 -20.15
N ILE B 209 10.49 -25.72 -20.40
CA ILE B 209 10.61 -24.65 -19.43
C ILE B 209 9.30 -23.88 -19.28
N ALA B 210 8.64 -23.59 -20.40
CA ALA B 210 7.34 -22.95 -20.36
C ALA B 210 6.38 -23.79 -19.53
N ALA B 211 6.33 -25.09 -19.83
CA ALA B 211 5.47 -26.04 -19.12
C ALA B 211 5.73 -26.07 -17.63
N TRP B 212 7.00 -26.13 -17.24
CA TRP B 212 7.36 -26.21 -15.84
C TRP B 212 6.90 -24.93 -15.12
N ARG B 213 7.02 -23.81 -15.81
CA ARG B 213 6.68 -22.52 -15.21
C ARG B 213 5.17 -22.38 -15.04
N ALA B 214 4.40 -22.78 -16.05
CA ALA B 214 2.95 -22.77 -15.93
C ALA B 214 2.52 -23.64 -14.74
N GLU B 215 3.12 -24.82 -14.65
CA GLU B 215 2.88 -25.73 -13.53
C GLU B 215 3.20 -25.07 -12.18
N GLN B 216 4.30 -24.34 -12.08
CA GLN B 216 4.64 -23.70 -10.81
C GLN B 216 3.63 -22.61 -10.50
N SER B 217 3.29 -21.84 -11.52
CA SER B 217 2.40 -20.71 -11.38
C SER B 217 0.98 -21.15 -10.98
N ARG B 218 0.51 -22.26 -11.55
CA ARG B 218 -0.82 -22.76 -11.22
C ARG B 218 -0.85 -23.28 -9.78
N GLN B 219 0.20 -24.01 -9.41
CA GLN B 219 0.40 -24.56 -8.08
C GLN B 219 0.37 -23.40 -7.04
N ARG B 220 1.20 -22.40 -7.28
CA ARG B 220 1.32 -21.26 -6.39
C ARG B 220 -0.02 -20.50 -6.30
N THR B 221 -0.72 -20.40 -7.42
CA THR B 221 -2.01 -19.70 -7.46
C THR B 221 -3.11 -20.40 -6.64
N ILE B 222 -3.21 -21.71 -6.82
CA ILE B 222 -4.14 -22.53 -6.04
C ILE B 222 -3.88 -22.44 -4.54
N GLU B 223 -2.61 -22.30 -4.16
CA GLU B 223 -2.21 -22.27 -2.76
C GLU B 223 -2.45 -20.91 -2.11
N ARG B 224 -2.05 -19.84 -2.79
CA ARG B 224 -2.05 -18.52 -2.19
C ARG B 224 -3.28 -17.69 -2.53
N ARG B 225 -3.79 -17.85 -3.75
CA ARG B 225 -4.91 -17.03 -4.23
C ARG B 225 -5.97 -17.85 -4.98
N PRO B 226 -6.60 -18.82 -4.29
CA PRO B 226 -7.49 -19.74 -4.99
C PRO B 226 -8.70 -19.04 -5.58
N ASP B 227 -8.96 -17.81 -5.13
CA ASP B 227 -10.05 -17.00 -5.61
C ASP B 227 -9.85 -16.52 -7.06
N LEU B 228 -8.60 -16.30 -7.45
CA LEU B 228 -8.33 -15.94 -8.85
C LEU B 228 -8.78 -17.03 -9.84
N LEU B 229 -8.96 -18.26 -9.37
CA LEU B 229 -9.42 -19.34 -10.26
C LEU B 229 -10.83 -19.74 -9.92
N GLY B 230 -11.50 -18.94 -9.10
CA GLY B 230 -12.90 -19.14 -8.83
C GLY B 230 -13.24 -20.11 -7.70
N PHE B 231 -12.30 -20.34 -6.79
CA PHE B 231 -12.59 -21.16 -5.61
C PHE B 231 -12.76 -20.30 -4.38
N ASP B 232 -13.02 -20.95 -3.24
CA ASP B 232 -13.22 -20.26 -1.98
C ASP B 232 -11.89 -19.98 -1.29
N SER B 233 -11.85 -18.89 -0.53
CA SER B 233 -10.65 -18.48 0.19
C SER B 233 -10.56 -19.12 1.56
C10 JEE C . 7.85 -6.97 -4.66
C13 JEE C . 10.02 -6.70 -7.65
C15 JEE C . 8.46 -5.93 -9.39
C17 JEE C . 8.41 -8.29 -10.36
C20 JEE C . 6.08 -10.02 -12.91
C22 JEE C . 6.99 -8.95 -14.70
C26 JEE C . 5.37 -10.61 -14.93
C28 JEE C . 6.74 -6.68 -11.05
N01 JEE C . 0.86 -5.95 -4.60
C02 JEE C . 2.12 -5.89 -5.27
N03 JEE C . 2.31 -5.51 -6.56
N04 JEE C . 3.62 -5.60 -6.83
C05 JEE C . 4.30 -5.98 -5.76
C06 JEE C . 5.80 -6.25 -5.75
C07 JEE C . 6.50 -6.12 -6.97
C08 JEE C . 7.90 -6.40 -7.02
C09 JEE C . 8.56 -6.81 -5.88
C11 JEE C . 6.46 -6.70 -4.60
C12 JEE C . 9.93 -7.01 -6.30
N14 JEE C . 8.80 -6.35 -8.06
C16 JEE C . 7.85 -7.01 -10.27
C18 JEE C . 7.83 -9.26 -11.21
C19 JEE C . 6.71 -8.93 -11.99
N21 JEE C . 5.93 -9.63 -14.13
C23 JEE C . 7.30 -9.25 -16.15
O24 JEE C . 7.31 -10.59 -16.45
C25 JEE C . 6.43 -11.36 -15.74
C27 JEE C . 6.16 -7.64 -11.88
C29 JEE C . 3.37 -6.20 -4.76
C30 JEE C . 3.62 -6.68 -3.32
N31 JEE C . 3.79 -7.02 -2.25
C10 JEE D . -7.65 7.41 3.36
C13 JEE D . -8.04 8.80 6.79
C15 JEE D . -7.76 6.83 8.24
C17 JEE D . -10.30 6.53 8.51
C20 JEE D . -12.33 3.64 10.09
C22 JEE D . -11.74 3.58 12.26
C26 JEE D . -13.91 3.62 11.65
C28 JEE D . -8.78 4.84 9.28
N01 JEE D . -6.75 0.44 2.05
C02 JEE D . -6.87 1.51 2.99
N03 JEE D . -6.89 1.43 4.35
N04 JEE D . -7.03 2.70 4.82
C05 JEE D . -7.08 3.59 3.84
C06 JEE D . -7.28 5.09 4.08
C07 JEE D . -7.44 5.49 5.41
C08 JEE D . -7.67 6.87 5.73
C09 JEE D . -7.79 7.81 4.72
C11 JEE D . -7.41 6.04 3.05
C12 JEE D . -8.01 9.06 5.40
N14 JEE D . -7.85 7.48 6.95
C16 JEE D . -9.00 6.07 8.68
C18 JEE D . -11.38 5.76 8.95
C19 JEE D . -11.16 4.52 9.56
N21 JEE D . -12.64 3.99 11.29
C23 JEE D . -12.06 4.16 13.62
O24 JEE D . -13.35 3.87 14.01
C25 JEE D . -14.31 4.12 13.04
C27 JEE D . -9.86 4.07 9.71
C29 JEE D . -6.99 2.86 2.67
C30 JEE D . -7.00 3.35 1.24
N31 JEE D . -7.01 3.68 0.15
#